data_9OZ0
#
_entry.id   9OZ0
#
_cell.length_a   167.329
_cell.length_b   167.329
_cell.length_c   167.329
_cell.angle_alpha   90.00
_cell.angle_beta   90.00
_cell.angle_gamma   90.00
#
_symmetry.space_group_name_H-M   'P 41 3 2'
#
loop_
_entity.id
_entity.type
_entity.pdbx_description
1 polymer 'Immunity protein 52 domain-containing protein'
2 polymer 'Tox-REase-5 domain-containing protein'
3 non-polymer 'CITRIC ACID'
4 non-polymer 'MAGNESIUM ION'
5 water water
#
loop_
_entity_poly.entity_id
_entity_poly.type
_entity_poly.pdbx_seq_one_letter_code
_entity_poly.pdbx_strand_id
1 'polypeptide(L)'
;(MSE)TDAKAFRRYIFELYFDPARLLELDDDQHLQRIERFLDALAPLHPVLENWYLCGDSLRDALSHNVTEHRQDLAKAL
SRDRRTRAVELVLWNGEEDPLKGGLSLDYEASGRAVSSRLQLEDAGSLLQVFDAPASSFVAIFLAVLEIWPETTWG
(MSE)LAPHAYFVHQRTFPDRRSIGWIGFCPHPLRATDFPAATELVDIPGRGTLLLNGREP(MSE)DETRREHFERVGEA
DIKL(MSE)ELGYLPPLRG
;
A
2 'polypeptide(L)'
;QGRDKDCVECPPSRGE(MSE)AIANNGKGHS(MSE)SDLSARYQQWVTNFPFPHEWFWSGTWWDGFDEPRCTLLEAKANY
AFLFVPLLGVPRPWARAKVKSDLLQKAEVHSDKARPTPPVFVEWHFLQRIVYEYCAAEYLR(MSE)GLANLKAFWNP
(MSE)PGTDEHDDYQETRAKEQEE(MSE)KRFCEENPGYCA
;
B
#
loop_
_chem_comp.id
_chem_comp.type
_chem_comp.name
_chem_comp.formula
CIT non-polymer 'CITRIC ACID' 'C6 H8 O7'
MG non-polymer 'MAGNESIUM ION' 'Mg 2'
#
# COMPACT_ATOMS: atom_id res chain seq x y z
N LYS A 5 -18.12 8.01 12.98
CA LYS A 5 -18.12 9.10 12.01
C LYS A 5 -18.07 8.58 10.58
N ALA A 6 -18.39 9.43 9.62
CA ALA A 6 -18.43 9.07 8.20
C ALA A 6 -17.31 9.81 7.48
N PHE A 7 -16.10 9.29 7.62
CA PHE A 7 -14.95 9.79 6.87
C PHE A 7 -14.71 8.90 5.66
N ARG A 8 -13.73 9.29 4.84
CA ARG A 8 -13.40 8.56 3.63
C ARG A 8 -11.91 8.26 3.59
N ARG A 9 -11.57 7.08 3.07
CA ARG A 9 -10.17 6.72 2.95
C ARG A 9 -9.49 7.60 1.90
N TYR A 10 -8.24 7.96 2.16
CA TYR A 10 -7.49 8.83 1.27
C TYR A 10 -6.06 8.32 1.13
N ILE A 11 -5.47 8.58 -0.03
CA ILE A 11 -4.11 8.15 -0.35
C ILE A 11 -3.19 9.35 -0.35
N PHE A 12 -2.01 9.18 0.26
CA PHE A 12 -0.98 10.21 0.25
C PHE A 12 0.36 9.50 0.09
N GLU A 13 0.74 9.24 -1.15
CA GLU A 13 2.05 8.66 -1.47
C GLU A 13 2.85 9.64 -2.31
N LEU A 14 4.16 9.66 -2.10
CA LEU A 14 5.07 10.41 -2.94
C LEU A 14 6.19 9.47 -3.38
N TYR A 15 6.41 9.41 -4.70
CA TYR A 15 7.42 8.54 -5.26
C TYR A 15 8.72 9.32 -5.47
N PHE A 16 9.84 8.65 -5.22
CA PHE A 16 11.15 9.24 -5.39
C PHE A 16 11.97 8.40 -6.36
N ASP A 17 13.02 9.02 -6.91
CA ASP A 17 13.91 8.37 -7.86
C ASP A 17 14.56 7.16 -7.23
N PRO A 18 14.20 5.94 -7.67
CA PRO A 18 14.75 4.75 -7.02
C PRO A 18 16.24 4.55 -7.28
N ALA A 19 16.77 5.11 -8.36
CA ALA A 19 18.17 4.87 -8.70
C ALA A 19 19.10 5.49 -7.65
N ARG A 20 18.89 6.76 -7.32
CA ARG A 20 19.77 7.48 -6.41
C ARG A 20 19.20 7.64 -5.01
N LEU A 21 18.01 7.10 -4.73
CA LEU A 21 17.53 7.06 -3.36
C LEU A 21 18.28 5.98 -2.57
N LEU A 22 18.72 4.93 -3.25
CA LEU A 22 19.52 3.91 -2.58
C LEU A 22 20.92 4.40 -2.23
N GLU A 23 21.41 5.42 -2.93
CA GLU A 23 22.76 5.93 -2.66
C GLU A 23 22.88 6.51 -1.25
N LEU A 24 21.78 6.94 -0.66
CA LEU A 24 21.82 7.43 0.72
C LEU A 24 22.05 6.26 1.68
N ASP A 25 23.01 6.41 2.58
CA ASP A 25 23.23 5.39 3.59
C ASP A 25 22.21 5.54 4.71
N ASP A 26 22.36 4.72 5.75
CA ASP A 26 21.41 4.76 6.86
C ASP A 26 21.55 6.03 7.68
N ASP A 27 22.66 6.75 7.56
CA ASP A 27 22.82 8.00 8.30
C ASP A 27 21.97 9.12 7.70
N GLN A 28 22.22 9.45 6.43
CA GLN A 28 21.47 10.53 5.80
C GLN A 28 20.01 10.17 5.61
N HIS A 29 19.69 8.88 5.51
CA HIS A 29 18.29 8.46 5.45
C HIS A 29 17.53 8.90 6.71
N LEU A 30 18.10 8.61 7.88
CA LEU A 30 17.45 8.98 9.13
C LEU A 30 17.33 10.49 9.28
N GLN A 31 18.29 11.24 8.75
CA GLN A 31 18.25 12.69 8.91
C GLN A 31 17.11 13.32 8.12
N ARG A 32 16.76 12.75 6.97
CA ARG A 32 15.67 13.31 6.18
C ARG A 32 14.31 13.01 6.82
N ILE A 33 14.13 11.79 7.32
CA ILE A 33 12.93 11.47 8.09
C ILE A 33 12.85 12.32 9.34
N GLU A 34 14.00 12.55 9.99
CA GLU A 34 14.02 13.40 11.17
C GLU A 34 13.59 14.82 10.85
N ARG A 35 14.09 15.36 9.72
CA ARG A 35 13.69 16.69 9.30
C ARG A 35 12.25 16.74 8.82
N PHE A 36 11.68 15.59 8.42
CA PHE A 36 10.29 15.57 7.98
C PHE A 36 9.33 15.55 9.16
N LEU A 37 9.62 14.74 10.19
CA LEU A 37 8.78 14.74 11.38
C LEU A 37 8.87 16.07 12.12
N ASP A 38 10.06 16.68 12.13
CA ASP A 38 10.17 18.04 12.66
C ASP A 38 9.30 19.01 11.89
N ALA A 39 9.13 18.78 10.58
CA ALA A 39 8.25 19.62 9.78
C ALA A 39 6.78 19.32 10.05
N LEU A 40 6.45 18.06 10.38
CA LEU A 40 5.07 17.66 10.59
C LEU A 40 4.49 18.18 11.90
N ALA A 41 5.33 18.33 12.93
CA ALA A 41 4.84 18.67 14.25
C ALA A 41 4.05 19.98 14.31
N PRO A 42 4.49 21.09 13.68
CA PRO A 42 3.75 22.36 13.85
C PRO A 42 2.43 22.42 13.10
N LEU A 43 1.98 21.32 12.51
CA LEU A 43 0.73 21.30 11.77
C LEU A 43 -0.46 20.86 12.61
N HIS A 44 -0.27 19.88 13.50
CA HIS A 44 -1.31 19.50 14.43
C HIS A 44 -0.68 18.78 15.61
N PRO A 45 -1.24 18.92 16.81
CA PRO A 45 -0.68 18.23 17.98
C PRO A 45 -0.56 16.71 17.81
N VAL A 46 -1.41 16.09 16.99
CA VAL A 46 -1.33 14.65 16.83
C VAL A 46 -0.10 14.24 16.03
N LEU A 47 0.51 15.18 15.31
CA LEU A 47 1.73 14.92 14.55
C LEU A 47 2.99 15.26 15.33
N GLU A 48 2.86 15.52 16.64
CA GLU A 48 4.01 15.95 17.42
C GLU A 48 4.88 14.79 17.87
N ASN A 49 4.25 13.66 18.22
CA ASN A 49 4.97 12.52 18.76
C ASN A 49 4.79 11.32 17.83
N TRP A 50 5.89 10.59 17.62
CA TRP A 50 5.89 9.42 16.76
C TRP A 50 6.56 8.25 17.48
N TYR A 51 6.08 7.05 17.20
CA TYR A 51 6.52 5.86 17.90
C TYR A 51 6.92 4.79 16.89
N LEU A 52 7.67 3.80 17.38
CA LEU A 52 7.90 2.59 16.60
C LEU A 52 6.63 1.75 16.55
N CYS A 53 6.42 1.09 15.41
CA CYS A 53 5.30 0.17 15.31
C CYS A 53 5.61 -1.10 16.11
N GLY A 54 4.60 -1.96 16.22
CA GLY A 54 4.76 -3.19 16.97
C GLY A 54 3.68 -4.19 16.63
N ASP A 55 3.94 -5.45 17.00
CA ASP A 55 2.95 -6.50 16.79
C ASP A 55 1.74 -6.32 17.69
N SER A 56 1.84 -5.51 18.74
CA SER A 56 0.72 -5.21 19.61
C SER A 56 0.71 -3.72 19.89
N LEU A 57 -0.46 -3.21 20.29
CA LEU A 57 -0.54 -1.82 20.73
C LEU A 57 0.37 -1.57 21.93
N ARG A 58 0.44 -2.54 22.84
CA ARG A 58 1.34 -2.43 23.98
C ARG A 58 2.79 -2.30 23.51
N ASP A 59 3.14 -3.01 22.43
CA ASP A 59 4.51 -2.96 21.93
C ASP A 59 4.77 -1.66 21.17
N ALA A 60 3.77 -1.16 20.45
CA ALA A 60 3.95 0.02 19.60
C ALA A 60 3.93 1.33 20.38
N LEU A 61 3.65 1.30 21.68
CA LEU A 61 3.70 2.49 22.51
C LEU A 61 4.92 2.52 23.41
N SER A 62 5.87 1.61 23.22
CA SER A 62 7.02 1.49 24.10
C SER A 62 8.19 2.38 23.70
N HIS A 63 8.25 2.83 22.44
CA HIS A 63 9.38 3.59 21.93
C HIS A 63 8.89 4.91 21.32
N ASN A 64 8.84 5.96 22.14
CA ASN A 64 8.63 7.30 21.63
C ASN A 64 9.93 7.79 21.01
N VAL A 65 9.94 8.00 19.70
CA VAL A 65 11.14 8.44 19.00
C VAL A 65 11.24 9.96 18.88
N THR A 66 10.13 10.68 19.06
CA THR A 66 10.23 12.14 19.16
C THR A 66 10.86 12.55 20.48
N GLU A 67 10.44 11.90 21.57
CA GLU A 67 11.06 12.16 22.87
C GLU A 67 12.48 11.64 22.91
N HIS A 68 12.73 10.48 22.30
CA HIS A 68 14.05 9.85 22.28
C HIS A 68 14.42 9.59 20.82
N ARG A 69 15.09 10.57 20.20
CA ARG A 69 15.50 10.45 18.80
C ARG A 69 16.62 9.44 18.60
N GLN A 70 17.29 9.00 19.67
CA GLN A 70 18.32 7.98 19.54
C GLN A 70 17.75 6.65 19.07
N ASP A 71 16.46 6.41 19.26
CA ASP A 71 15.82 5.17 18.83
C ASP A 71 15.18 5.28 17.46
N LEU A 72 15.41 6.38 16.74
CA LEU A 72 14.94 6.47 15.37
C LEU A 72 15.68 5.51 14.46
N ALA A 73 16.96 5.23 14.76
CA ALA A 73 17.71 4.26 13.97
C ALA A 73 17.13 2.86 14.09
N LYS A 74 16.41 2.58 15.18
CA LYS A 74 15.80 1.27 15.37
C LYS A 74 14.61 1.05 14.44
N ALA A 75 14.07 2.12 13.86
CA ALA A 75 12.95 1.96 12.92
C ALA A 75 13.42 1.53 11.55
N LEU A 76 14.61 1.95 11.14
CA LEU A 76 15.11 1.72 9.79
C LEU A 76 15.78 0.36 9.71
N SER A 77 15.21 -0.54 8.92
CA SER A 77 15.82 -1.83 8.62
C SER A 77 16.43 -1.78 7.23
N ARG A 78 17.65 -2.30 7.10
CA ARG A 78 18.40 -2.22 5.86
C ARG A 78 18.92 -3.60 5.47
N ASP A 79 18.70 -3.98 4.21
CA ASP A 79 19.28 -5.18 3.65
C ASP A 79 20.65 -4.83 3.07
N ARG A 80 21.68 -5.58 3.49
CA ARG A 80 23.02 -5.29 3.01
C ARG A 80 23.22 -5.70 1.56
N ARG A 81 22.51 -6.74 1.11
CA ARG A 81 22.73 -7.26 -0.25
C ARG A 81 22.14 -6.33 -1.30
N THR A 82 20.86 -5.99 -1.17
CA THR A 82 20.20 -5.12 -2.14
C THR A 82 20.31 -3.64 -1.80
N ARG A 83 20.77 -3.31 -0.59
CA ARG A 83 20.94 -1.93 -0.15
C ARG A 83 19.61 -1.18 -0.07
N ALA A 84 18.52 -1.90 0.14
CA ALA A 84 17.20 -1.30 0.30
C ALA A 84 16.94 -1.03 1.77
N VAL A 85 16.22 0.06 2.04
CA VAL A 85 15.87 0.45 3.40
C VAL A 85 14.36 0.65 3.49
N GLU A 86 13.84 0.47 4.69
CA GLU A 86 12.45 0.78 4.98
C GLU A 86 12.36 1.26 6.42
N LEU A 87 11.40 2.14 6.68
CA LEU A 87 11.22 2.74 7.99
C LEU A 87 9.75 3.01 8.20
N VAL A 88 9.18 2.49 9.29
CA VAL A 88 7.75 2.60 9.57
C VAL A 88 7.57 3.17 10.97
N LEU A 89 6.83 4.27 11.08
CA LEU A 89 6.47 4.87 12.35
C LEU A 89 4.96 5.07 12.37
N TRP A 90 4.44 5.51 13.52
CA TRP A 90 3.01 5.75 13.64
C TRP A 90 2.76 6.84 14.68
N ASN A 91 1.49 7.26 14.74
CA ASN A 91 1.12 8.47 15.47
C ASN A 91 1.21 8.30 16.98
N GLY A 92 1.02 7.07 17.48
CA GLY A 92 0.71 6.87 18.87
C GLY A 92 -0.76 6.98 19.20
N GLU A 93 -1.58 7.46 18.26
CA GLU A 93 -3.02 7.51 18.41
C GLU A 93 -3.63 6.26 17.77
N GLU A 94 -4.41 5.52 18.55
CA GLU A 94 -4.94 4.25 18.07
C GLU A 94 -6.09 4.42 17.10
N ASP A 95 -6.96 5.42 17.33
CA ASP A 95 -8.18 5.56 16.55
C ASP A 95 -7.90 6.37 15.29
N PRO A 96 -8.18 5.82 14.10
CA PRO A 96 -8.07 6.65 12.88
C PRO A 96 -9.01 7.83 12.87
N LEU A 97 -10.14 7.75 13.57
CA LEU A 97 -11.08 8.87 13.59
C LEU A 97 -10.50 10.08 14.32
N LYS A 98 -9.66 9.85 15.32
CA LYS A 98 -9.06 10.91 16.11
C LYS A 98 -7.69 11.33 15.58
N GLY A 99 -7.37 11.01 14.34
CA GLY A 99 -6.11 11.38 13.74
C GLY A 99 -5.03 10.32 13.73
N GLY A 100 -5.35 9.09 14.10
CA GLY A 100 -4.37 8.01 14.07
C GLY A 100 -3.85 7.75 12.68
N LEU A 101 -2.53 7.69 12.52
CA LEU A 101 -1.94 7.62 11.20
C LEU A 101 -0.50 7.13 11.29
N SER A 102 -0.13 6.24 10.38
CA SER A 102 1.22 5.69 10.32
C SER A 102 2.00 6.30 9.17
N LEU A 103 3.32 6.14 9.25
CA LEU A 103 4.25 6.66 8.25
C LEU A 103 5.04 5.49 7.68
N ASP A 104 4.96 5.31 6.35
CA ASP A 104 5.60 4.20 5.66
C ASP A 104 6.59 4.78 4.66
N TYR A 105 7.88 4.57 4.92
CA TYR A 105 8.95 5.08 4.08
C TYR A 105 9.81 3.90 3.65
N GLU A 106 9.87 3.64 2.35
CA GLU A 106 10.64 2.54 1.80
C GLU A 106 11.43 3.03 0.60
N ALA A 107 12.69 2.59 0.50
CA ALA A 107 13.57 2.96 -0.59
C ALA A 107 14.18 1.69 -1.18
N SER A 108 13.33 0.91 -1.85
CA SER A 108 13.81 -0.28 -2.56
C SER A 108 14.35 0.11 -3.93
N GLY A 109 14.97 -0.86 -4.59
CA GLY A 109 15.54 -0.60 -5.91
C GLY A 109 14.50 -0.32 -6.98
N ARG A 110 13.25 -0.66 -6.74
CA ARG A 110 12.19 -0.50 -7.71
C ARG A 110 11.40 0.78 -7.44
N ALA A 111 10.91 1.40 -8.52
CA ALA A 111 10.16 2.64 -8.39
C ALA A 111 8.79 2.43 -7.73
N VAL A 112 8.26 1.21 -7.77
CA VAL A 112 6.97 0.95 -7.16
C VAL A 112 7.07 0.95 -5.64
N SER A 113 8.24 0.63 -5.10
CA SER A 113 8.45 0.54 -3.65
C SER A 113 9.42 1.58 -3.14
N SER A 114 9.68 2.64 -3.90
CA SER A 114 10.47 3.78 -3.45
C SER A 114 9.47 4.92 -3.20
N ARG A 115 8.89 4.95 -2.00
CA ARG A 115 7.77 5.82 -1.74
C ARG A 115 7.72 6.20 -0.27
N LEU A 116 7.00 7.29 0.00
CA LEU A 116 6.58 7.68 1.35
C LEU A 116 5.06 7.78 1.33
N GLN A 117 4.41 7.08 2.26
CA GLN A 117 2.95 7.09 2.32
C GLN A 117 2.48 7.28 3.75
N LEU A 118 1.40 8.04 3.91
CA LEU A 118 0.72 8.24 5.19
C LEU A 118 -0.59 7.46 5.16
N GLU A 119 -0.70 6.47 6.04
CA GLU A 119 -1.79 5.50 6.02
C GLU A 119 -2.53 5.55 7.35
N ASP A 120 -3.80 5.93 7.33
CA ASP A 120 -4.54 6.36 6.13
C ASP A 120 -4.74 7.87 6.14
N ALA A 121 -4.58 8.50 4.97
CA ALA A 121 -4.65 9.96 4.89
C ALA A 121 -6.03 10.52 5.24
N GLY A 122 -7.07 9.68 5.27
CA GLY A 122 -8.38 10.15 5.68
C GLY A 122 -8.46 10.56 7.14
N SER A 123 -7.52 10.11 7.96
CA SER A 123 -7.50 10.52 9.36
C SER A 123 -7.16 12.00 9.49
N LEU A 124 -6.26 12.51 8.64
CA LEU A 124 -5.92 13.92 8.66
C LEU A 124 -7.08 14.80 8.24
N LEU A 125 -8.03 14.27 7.46
CA LEU A 125 -9.20 15.05 7.08
C LEU A 125 -10.12 15.28 8.26
N GLN A 126 -10.17 14.33 9.21
CA GLN A 126 -11.00 14.46 10.38
C GLN A 126 -10.42 15.38 11.45
N VAL A 127 -9.39 16.17 11.13
CA VAL A 127 -8.70 16.89 12.20
C VAL A 127 -8.12 18.22 11.71
N PHE A 128 -7.72 18.28 10.44
CA PHE A 128 -7.24 19.54 9.89
C PHE A 128 -8.38 20.55 9.80
N ASP A 129 -8.12 21.78 10.26
CA ASP A 129 -9.10 22.86 10.09
C ASP A 129 -9.21 23.25 8.62
N ALA A 130 -8.12 23.77 8.05
CA ALA A 130 -8.02 24.03 6.62
C ALA A 130 -7.20 22.92 6.00
N PRO A 131 -7.83 21.91 5.40
CA PRO A 131 -7.05 20.76 4.88
C PRO A 131 -6.11 21.13 3.76
N ALA A 132 -6.51 22.03 2.86
CA ALA A 132 -5.68 22.38 1.72
C ALA A 132 -4.38 23.04 2.18
N SER A 133 -4.47 24.00 3.10
CA SER A 133 -3.28 24.71 3.56
C SER A 133 -2.34 23.77 4.31
N SER A 134 -2.88 22.86 5.12
CA SER A 134 -2.04 21.94 5.86
C SER A 134 -1.49 20.83 4.97
N PHE A 135 -2.25 20.38 3.96
CA PHE A 135 -1.78 19.28 3.12
C PHE A 135 -0.66 19.73 2.19
N VAL A 136 -0.74 20.95 1.66
CA VAL A 136 0.34 21.44 0.82
C VAL A 136 1.59 21.73 1.64
N ALA A 137 1.41 22.04 2.93
CA ALA A 137 2.56 22.34 3.78
C ALA A 137 3.48 21.14 3.91
N ILE A 138 2.90 19.94 3.99
CA ILE A 138 3.71 18.73 4.13
C ILE A 138 4.17 18.24 2.75
N PHE A 139 3.50 18.70 1.69
CA PHE A 139 4.04 18.55 0.35
C PHE A 139 5.34 19.33 0.21
N LEU A 140 5.25 20.66 0.27
CA LEU A 140 6.45 21.51 0.15
C LEU A 140 7.54 21.10 1.12
N ALA A 141 7.18 20.53 2.26
CA ALA A 141 8.17 19.87 3.10
C ALA A 141 8.88 18.79 2.29
N VAL A 142 8.22 17.63 2.10
CA VAL A 142 8.79 16.46 1.44
C VAL A 142 9.74 16.85 0.33
N LEU A 143 9.33 17.80 -0.50
CA LEU A 143 10.12 18.20 -1.65
C LEU A 143 11.35 19.04 -1.30
N GLU A 144 11.35 19.70 -0.15
CA GLU A 144 12.55 20.41 0.29
C GLU A 144 13.60 19.44 0.81
N ILE A 145 13.19 18.44 1.59
CA ILE A 145 14.16 17.52 2.16
C ILE A 145 14.58 16.44 1.14
N TRP A 146 13.67 15.97 0.30
CA TRP A 146 13.98 14.94 -0.69
C TRP A 146 13.99 15.55 -2.09
N PRO A 147 15.15 15.93 -2.63
CA PRO A 147 15.18 16.43 -4.01
C PRO A 147 14.88 15.36 -5.05
N GLU A 148 14.96 14.08 -4.69
CA GLU A 148 14.73 12.98 -5.62
C GLU A 148 13.25 12.69 -5.85
N THR A 149 12.35 13.55 -5.39
CA THR A 149 10.92 13.31 -5.54
C THR A 149 10.53 13.37 -7.01
N THR A 150 10.01 12.26 -7.53
CA THR A 150 9.58 12.19 -8.93
C THR A 150 8.10 12.48 -9.10
N TRP A 151 7.27 12.18 -8.11
CA TRP A 151 5.84 12.30 -8.25
C TRP A 151 5.17 12.34 -6.88
N GLY A 152 4.01 12.97 -6.82
CA GLY A 152 3.22 12.98 -5.61
C GLY A 152 1.75 13.11 -5.96
N MSE A 153 0.91 12.69 -5.02
CA MSE A 153 -0.53 12.74 -5.23
C MSE A 153 -1.30 12.49 -3.93
O MSE A 153 -0.89 11.71 -3.07
CB MSE A 153 -0.96 11.74 -6.29
CG MSE A 153 -2.39 11.26 -6.14
SE MSE A 153 -2.73 9.51 -6.91
CE MSE A 153 -4.29 9.08 -5.82
N LEU A 154 -2.43 13.18 -3.81
CA LEU A 154 -3.37 12.98 -2.70
C LEU A 154 -4.76 12.82 -3.32
N ALA A 155 -5.40 11.68 -3.07
CA ALA A 155 -6.71 11.40 -3.64
C ALA A 155 -7.41 10.35 -2.81
N PRO A 156 -8.72 10.20 -2.93
CA PRO A 156 -9.45 9.19 -2.16
C PRO A 156 -9.12 7.78 -2.63
N HIS A 157 -9.43 6.82 -1.75
CA HIS A 157 -9.12 5.43 -2.06
C HIS A 157 -10.05 4.87 -3.13
N ALA A 158 -11.35 5.14 -3.01
CA ALA A 158 -12.31 4.63 -3.98
C ALA A 158 -12.06 5.19 -5.38
N TYR A 159 -11.47 6.39 -5.47
CA TYR A 159 -11.32 7.02 -6.77
C TYR A 159 -10.17 6.41 -7.57
N PHE A 160 -8.97 6.34 -6.97
CA PHE A 160 -7.82 5.79 -7.68
C PHE A 160 -8.03 4.33 -7.99
N VAL A 161 -8.41 3.53 -6.99
CA VAL A 161 -8.49 2.09 -7.15
C VAL A 161 -9.51 1.70 -8.22
N HIS A 162 -10.63 2.42 -8.31
CA HIS A 162 -11.77 1.98 -9.13
C HIS A 162 -12.17 2.94 -10.24
N GLN A 163 -12.00 4.26 -10.05
CA GLN A 163 -12.50 5.24 -11.00
C GLN A 163 -11.40 6.12 -11.58
N ARG A 164 -10.16 5.65 -11.55
CA ARG A 164 -9.06 6.41 -12.13
C ARG A 164 -9.27 6.58 -13.62
N THR A 165 -8.89 7.75 -14.14
CA THR A 165 -9.15 8.06 -15.54
C THR A 165 -8.47 7.05 -16.44
N PHE A 166 -7.16 6.86 -16.25
CA PHE A 166 -6.38 5.91 -17.05
C PHE A 166 -5.85 4.80 -16.16
N PRO A 167 -6.33 3.56 -16.26
CA PRO A 167 -5.94 2.53 -15.27
C PRO A 167 -4.52 2.05 -15.39
N ASP A 168 -3.84 2.30 -16.51
CA ASP A 168 -2.49 1.78 -16.73
C ASP A 168 -1.42 2.63 -16.05
N ARG A 169 -1.76 3.79 -15.51
CA ARG A 169 -0.76 4.67 -14.91
C ARG A 169 -1.41 5.48 -13.80
N ARG A 170 -0.58 6.29 -13.11
CA ARG A 170 -0.96 6.97 -11.88
C ARG A 170 -1.94 8.12 -12.12
N SER A 171 -1.99 9.06 -11.17
CA SER A 171 -2.95 10.16 -11.25
C SER A 171 -2.43 11.33 -10.41
N ILE A 172 -3.05 12.49 -10.61
CA ILE A 172 -2.68 13.67 -9.85
C ILE A 172 -3.53 13.87 -8.60
N GLY A 173 -4.74 13.31 -8.56
CA GLY A 173 -5.56 13.38 -7.37
C GLY A 173 -6.00 14.78 -7.03
N TRP A 174 -6.25 15.01 -5.73
CA TRP A 174 -6.62 16.33 -5.26
C TRP A 174 -5.42 17.28 -5.35
N ILE A 175 -4.29 16.89 -4.77
CA ILE A 175 -3.07 17.68 -4.83
C ILE A 175 -1.96 16.72 -5.22
N GLY A 176 -1.28 17.03 -6.31
CA GLY A 176 -0.14 16.24 -6.74
C GLY A 176 0.98 17.13 -7.22
N PHE A 177 2.19 16.55 -7.27
CA PHE A 177 3.38 17.25 -7.71
C PHE A 177 3.94 16.55 -8.94
N CYS A 178 4.09 17.30 -10.04
CA CYS A 178 4.71 16.86 -11.28
C CYS A 178 6.07 17.52 -11.43
N PRO A 179 7.11 16.76 -11.79
CA PRO A 179 8.47 17.31 -11.71
C PRO A 179 8.85 18.25 -12.84
N HIS A 180 7.90 19.04 -13.36
CA HIS A 180 8.20 19.95 -14.44
C HIS A 180 7.34 21.20 -14.27
N PRO A 181 7.62 22.27 -14.99
CA PRO A 181 6.73 23.44 -14.99
C PRO A 181 5.57 23.27 -15.96
N LEU A 182 4.45 23.91 -15.63
CA LEU A 182 3.21 23.76 -16.38
C LEU A 182 2.62 25.12 -16.75
N ARG A 183 1.82 25.12 -17.82
CA ARG A 183 1.05 26.27 -18.23
C ARG A 183 -0.31 26.27 -17.54
N ALA A 184 -0.80 27.46 -17.22
CA ALA A 184 -2.04 27.57 -16.44
C ALA A 184 -3.26 27.21 -17.28
N THR A 185 -3.31 27.68 -18.53
CA THR A 185 -4.48 27.44 -19.37
C THR A 185 -4.53 26.02 -19.94
N ASP A 186 -3.47 25.23 -19.78
CA ASP A 186 -3.51 23.83 -20.16
C ASP A 186 -4.34 22.99 -19.20
N PHE A 187 -4.80 23.58 -18.09
CA PHE A 187 -5.52 22.87 -17.04
C PHE A 187 -6.91 23.48 -16.87
N PRO A 188 -7.83 22.80 -16.16
CA PRO A 188 -9.16 23.39 -15.92
C PRO A 188 -9.12 24.70 -15.14
N ALA A 189 -10.30 25.26 -14.89
CA ALA A 189 -10.39 26.62 -14.37
C ALA A 189 -9.81 26.74 -12.96
N ALA A 190 -10.43 26.06 -12.00
CA ALA A 190 -10.07 26.18 -10.58
C ALA A 190 -9.05 25.13 -10.14
N THR A 191 -8.08 24.81 -10.99
CA THR A 191 -6.93 24.01 -10.59
C THR A 191 -5.73 24.95 -10.45
N GLU A 192 -5.22 25.07 -9.23
CA GLU A 192 -4.21 26.08 -8.93
C GLU A 192 -2.81 25.51 -9.08
N LEU A 193 -1.96 26.25 -9.78
CA LEU A 193 -0.57 25.90 -9.98
C LEU A 193 0.30 26.74 -9.06
N VAL A 194 1.14 26.08 -8.26
CA VAL A 194 2.16 26.77 -7.47
C VAL A 194 3.52 26.27 -7.97
N ASP A 195 4.12 27.03 -8.88
CA ASP A 195 5.41 26.69 -9.46
C ASP A 195 6.50 26.84 -8.41
N ILE A 196 7.07 25.71 -7.99
CA ILE A 196 8.25 25.75 -7.12
C ILE A 196 9.48 25.81 -8.03
N PRO A 197 10.52 26.55 -7.66
CA PRO A 197 11.68 26.69 -8.57
C PRO A 197 12.62 25.49 -8.46
N GLY A 198 12.85 24.82 -9.58
CA GLY A 198 13.88 23.81 -9.65
C GLY A 198 13.40 22.39 -9.88
N ARG A 199 12.30 22.00 -9.25
CA ARG A 199 11.85 20.62 -9.29
C ARG A 199 10.49 20.42 -9.94
N GLY A 200 9.84 21.49 -10.40
CA GLY A 200 8.54 21.34 -11.04
C GLY A 200 7.48 22.23 -10.44
N THR A 201 6.22 21.78 -10.45
CA THR A 201 5.14 22.51 -9.80
C THR A 201 4.26 21.53 -9.03
N LEU A 202 3.43 22.09 -8.17
CA LEU A 202 2.42 21.36 -7.43
C LEU A 202 1.04 21.80 -7.90
N LEU A 203 0.18 20.83 -8.20
CA LEU A 203 -1.15 21.11 -8.73
C LEU A 203 -2.20 20.80 -7.68
N LEU A 204 -2.99 21.80 -7.33
CA LEU A 204 -4.14 21.67 -6.44
C LEU A 204 -5.43 21.74 -7.25
N ASN A 205 -6.36 20.83 -6.97
CA ASN A 205 -7.62 20.75 -7.68
C ASN A 205 -8.74 21.18 -6.73
N GLY A 206 -8.92 22.49 -6.60
CA GLY A 206 -9.95 23.03 -5.74
C GLY A 206 -9.63 22.90 -4.26
N ARG A 207 -9.61 24.02 -3.53
CA ARG A 207 -9.20 24.00 -2.13
C ARG A 207 -10.14 23.18 -1.24
N GLU A 208 -11.33 22.81 -1.73
CA GLU A 208 -12.16 21.93 -0.91
C GLU A 208 -11.80 20.47 -1.18
N PRO A 209 -11.91 19.61 -0.16
CA PRO A 209 -11.54 18.20 -0.34
C PRO A 209 -12.37 17.52 -1.41
N MSE A 210 -11.71 16.68 -2.21
CA MSE A 210 -12.39 15.96 -3.27
C MSE A 210 -13.53 15.10 -2.74
O MSE A 210 -13.44 14.55 -1.64
CB MSE A 210 -11.41 15.06 -4.04
CG MSE A 210 -12.11 14.18 -5.08
SE MSE A 210 -10.94 13.34 -6.37
CE MSE A 210 -9.41 14.50 -6.12
N ASP A 211 -14.60 15.01 -3.52
CA ASP A 211 -15.69 14.08 -3.27
C ASP A 211 -15.92 13.28 -4.54
N GLU A 212 -15.71 11.96 -4.46
CA GLU A 212 -15.91 11.09 -5.61
C GLU A 212 -17.36 11.03 -6.07
N THR A 213 -18.30 11.50 -5.25
CA THR A 213 -19.71 11.50 -5.61
C THR A 213 -20.14 12.76 -6.35
N ARG A 214 -19.32 13.81 -6.35
CA ARG A 214 -19.66 15.06 -7.03
C ARG A 214 -19.06 15.01 -8.44
N ARG A 215 -19.93 15.19 -9.45
CA ARG A 215 -19.48 15.10 -10.84
C ARG A 215 -18.48 16.21 -11.17
N GLU A 216 -18.59 17.35 -10.51
CA GLU A 216 -17.63 18.44 -10.67
C GLU A 216 -16.24 17.99 -10.27
N HIS A 217 -16.08 17.61 -9.00
CA HIS A 217 -14.77 17.15 -8.52
C HIS A 217 -14.28 15.96 -9.32
N PHE A 218 -15.20 15.18 -9.90
CA PHE A 218 -14.80 14.10 -10.80
C PHE A 218 -14.13 14.64 -12.05
N GLU A 219 -14.76 15.61 -12.71
CA GLU A 219 -14.26 16.07 -14.01
C GLU A 219 -12.98 16.88 -13.87
N ARG A 220 -12.81 17.61 -12.77
CA ARG A 220 -11.60 18.43 -12.58
C ARG A 220 -10.35 17.56 -12.64
N VAL A 221 -10.32 16.49 -11.84
CA VAL A 221 -9.16 15.60 -11.83
C VAL A 221 -9.14 14.74 -13.09
N GLY A 222 -10.29 14.40 -13.64
CA GLY A 222 -10.35 13.71 -14.91
C GLY A 222 -9.73 14.55 -16.02
N GLU A 223 -10.35 15.68 -16.35
CA GLU A 223 -9.80 16.57 -17.37
C GLU A 223 -8.35 16.94 -17.09
N ALA A 224 -7.96 16.96 -15.82
CA ALA A 224 -6.56 17.15 -15.47
C ALA A 224 -5.72 16.04 -16.08
N ASP A 225 -5.79 14.83 -15.51
CA ASP A 225 -4.94 13.72 -15.93
C ASP A 225 -4.94 13.51 -17.44
N ILE A 226 -6.00 13.92 -18.13
CA ILE A 226 -5.96 13.92 -19.59
C ILE A 226 -4.89 14.89 -20.10
N LYS A 227 -4.85 16.11 -19.56
CA LYS A 227 -3.76 17.02 -19.89
C LYS A 227 -2.43 16.43 -19.45
N LEU A 228 -2.30 16.09 -18.16
CA LEU A 228 -1.04 15.58 -17.63
C LEU A 228 -0.42 14.50 -18.52
N MSE A 229 -1.25 13.72 -19.20
CA MSE A 229 -0.73 12.70 -20.10
C MSE A 229 -0.47 13.25 -21.50
O MSE A 229 0.35 12.73 -22.25
CB MSE A 229 -1.68 11.50 -20.17
CG MSE A 229 -1.11 10.30 -20.91
SE MSE A 229 0.24 9.33 -19.88
CE MSE A 229 1.84 10.37 -20.31
N GLU A 230 -1.18 14.33 -21.86
CA GLU A 230 -0.97 14.95 -23.16
C GLU A 230 0.46 15.49 -23.28
N LEU A 231 1.01 16.00 -22.19
CA LEU A 231 2.38 16.51 -22.18
C LEU A 231 3.41 15.44 -21.85
N GLY A 232 2.99 14.20 -21.61
CA GLY A 232 3.93 13.16 -21.26
C GLY A 232 4.41 13.20 -19.83
N TYR A 233 3.59 13.68 -18.90
CA TYR A 233 3.99 13.86 -17.51
C TYR A 233 3.52 12.75 -16.60
N LEU A 234 2.35 12.19 -16.86
CA LEU A 234 1.82 11.12 -16.02
C LEU A 234 2.71 9.88 -16.12
N PRO A 235 3.36 9.46 -15.04
CA PRO A 235 4.26 8.32 -15.11
C PRO A 235 3.49 7.01 -15.04
N PRO A 236 4.08 5.92 -15.52
CA PRO A 236 3.37 4.63 -15.49
C PRO A 236 3.12 4.15 -14.07
N LEU A 237 2.14 3.25 -13.94
CA LEU A 237 1.81 2.69 -12.64
C LEU A 237 2.90 1.74 -12.17
N ARG A 238 3.44 0.93 -13.07
CA ARG A 238 4.52 -0.01 -12.73
C ARG A 238 5.86 0.64 -13.10
N GLY A 239 6.33 1.50 -12.21
CA GLY A 239 7.59 2.20 -12.42
C GLY A 239 7.43 3.49 -13.20
N GLN B 1 7.38 -11.58 -27.59
CA GLN B 1 6.62 -11.96 -28.77
C GLN B 1 7.36 -13.01 -29.58
N GLY B 2 6.63 -14.00 -30.08
CA GLY B 2 7.23 -15.11 -30.80
C GLY B 2 6.70 -16.44 -30.31
N ARG B 3 7.17 -16.86 -29.13
CA ARG B 3 6.61 -17.98 -28.38
C ARG B 3 6.55 -19.27 -29.21
N ASP B 4 7.64 -20.02 -29.25
CA ASP B 4 7.63 -21.29 -29.96
C ASP B 4 8.68 -22.22 -29.37
N LYS B 5 8.56 -23.51 -29.72
CA LYS B 5 9.23 -24.61 -29.05
C LYS B 5 9.31 -24.35 -27.55
N ASP B 6 8.20 -24.54 -26.84
CA ASP B 6 8.16 -24.30 -25.40
C ASP B 6 8.65 -25.56 -24.69
N CYS B 7 9.84 -25.45 -24.08
CA CYS B 7 10.47 -26.60 -23.45
C CYS B 7 9.93 -26.85 -22.05
N VAL B 8 9.74 -25.79 -21.26
CA VAL B 8 9.36 -25.91 -19.85
C VAL B 8 8.13 -25.05 -19.62
N GLU B 9 6.97 -25.68 -19.59
CA GLU B 9 5.78 -25.06 -19.03
C GLU B 9 5.92 -25.07 -17.51
N CYS B 10 5.43 -24.02 -16.87
CA CYS B 10 5.38 -23.88 -15.42
C CYS B 10 6.77 -24.06 -14.78
N PRO B 11 7.61 -23.03 -14.79
CA PRO B 11 8.91 -23.12 -14.11
C PRO B 11 8.77 -23.46 -12.63
N PRO B 12 7.78 -22.91 -11.90
CA PRO B 12 7.65 -23.29 -10.48
C PRO B 12 7.42 -24.77 -10.23
N SER B 13 7.17 -25.58 -11.27
CA SER B 13 7.11 -27.02 -11.06
C SER B 13 8.45 -27.60 -10.66
N ARG B 14 9.54 -26.86 -10.86
CA ARG B 14 10.88 -27.29 -10.48
C ARG B 14 11.22 -26.92 -9.04
N GLY B 15 10.23 -26.49 -8.26
CA GLY B 15 10.45 -26.23 -6.85
C GLY B 15 10.48 -27.51 -6.05
N GLU B 16 10.18 -27.37 -4.75
CA GLU B 16 10.24 -28.52 -3.85
C GLU B 16 9.44 -28.20 -2.59
N MSE B 17 8.98 -29.26 -1.93
CA MSE B 17 8.34 -29.15 -0.63
C MSE B 17 9.38 -29.19 0.48
O MSE B 17 10.35 -29.94 0.40
CB MSE B 17 7.32 -30.25 -0.42
CG MSE B 17 6.18 -30.27 -1.42
SE MSE B 17 4.91 -31.69 -1.00
CE MSE B 17 4.40 -31.14 0.79
N ALA B 18 9.16 -28.40 1.53
CA ALA B 18 10.09 -28.34 2.65
C ALA B 18 9.37 -27.79 3.87
N ILE B 19 9.96 -28.03 5.04
CA ILE B 19 9.47 -27.44 6.27
C ILE B 19 9.77 -25.95 6.27
N ALA B 20 8.80 -25.13 6.69
CA ALA B 20 8.91 -23.68 6.63
C ALA B 20 10.02 -23.15 7.53
N ASN B 21 9.81 -23.23 8.86
CA ASN B 21 10.79 -22.80 9.85
C ASN B 21 11.10 -21.30 9.74
N ASN B 22 10.08 -20.52 9.37
CA ASN B 22 10.23 -19.08 9.27
C ASN B 22 10.01 -18.38 10.61
N GLY B 23 10.37 -19.04 11.71
CA GLY B 23 10.10 -18.55 13.07
C GLY B 23 8.62 -18.24 13.23
N LYS B 24 7.78 -19.07 12.63
CA LYS B 24 6.34 -18.86 12.61
C LYS B 24 5.68 -19.39 13.88
N GLY B 25 4.54 -20.04 13.72
CA GLY B 25 3.90 -20.77 14.82
C GLY B 25 3.79 -22.24 14.45
N HIS B 26 4.06 -23.09 15.44
CA HIS B 26 4.03 -24.54 15.23
C HIS B 26 2.63 -25.06 15.52
N SER B 27 2.51 -26.33 15.90
CA SER B 27 1.23 -26.97 16.21
C SER B 27 0.32 -27.10 14.99
N MSE B 28 -0.26 -28.28 14.81
CA MSE B 28 -1.05 -28.59 13.62
C MSE B 28 -2.50 -28.12 13.69
O MSE B 28 -3.23 -28.23 12.71
CB MSE B 28 -1.03 -30.10 13.37
CG MSE B 28 -1.42 -30.91 14.60
SE MSE B 28 -1.00 -32.79 14.44
CE MSE B 28 -1.34 -33.02 12.55
N SER B 29 -2.92 -27.60 14.85
CA SER B 29 -4.33 -27.37 15.12
C SER B 29 -4.74 -25.90 15.11
N ASP B 30 -3.79 -24.98 15.02
CA ASP B 30 -4.18 -23.57 15.03
C ASP B 30 -4.93 -23.21 13.77
N LEU B 31 -5.78 -22.18 13.88
CA LEU B 31 -6.55 -21.70 12.73
C LEU B 31 -5.63 -21.34 11.57
N SER B 32 -4.45 -20.79 11.87
CA SER B 32 -3.49 -20.46 10.81
C SER B 32 -3.10 -21.71 10.03
N ALA B 33 -2.80 -22.81 10.73
CA ALA B 33 -2.33 -24.01 10.06
C ALA B 33 -3.47 -24.74 9.36
N ARG B 34 -4.62 -24.88 10.01
CA ARG B 34 -5.74 -25.59 9.42
C ARG B 34 -6.24 -24.88 8.16
N TYR B 35 -6.27 -23.55 8.19
CA TYR B 35 -6.71 -22.81 7.00
C TYR B 35 -5.70 -22.94 5.86
N GLN B 36 -4.41 -22.93 6.19
CA GLN B 36 -3.39 -23.07 5.16
C GLN B 36 -3.46 -24.44 4.50
N GLN B 37 -3.67 -25.49 5.29
CA GLN B 37 -3.72 -26.83 4.73
C GLN B 37 -4.94 -27.03 3.83
N TRP B 38 -6.06 -26.36 4.15
CA TRP B 38 -7.27 -26.51 3.35
C TRP B 38 -7.17 -25.78 2.03
N VAL B 39 -6.47 -24.64 2.00
CA VAL B 39 -6.31 -23.90 0.75
C VAL B 39 -5.25 -24.56 -0.14
N THR B 40 -4.16 -25.02 0.46
CA THR B 40 -3.02 -25.52 -0.31
C THR B 40 -3.02 -27.02 -0.51
N ASN B 41 -3.71 -27.78 0.35
CA ASN B 41 -3.62 -29.24 0.38
C ASN B 41 -2.19 -29.71 0.61
N PHE B 42 -1.38 -28.88 1.26
CA PHE B 42 -0.03 -29.24 1.69
C PHE B 42 -0.08 -29.72 3.13
N PRO B 43 0.53 -30.86 3.46
CA PRO B 43 0.57 -31.29 4.86
C PRO B 43 1.40 -30.32 5.70
N PHE B 44 0.86 -29.94 6.85
CA PHE B 44 1.61 -29.11 7.78
C PHE B 44 2.85 -29.84 8.26
N PRO B 45 4.00 -29.15 8.39
CA PRO B 45 4.21 -27.73 8.12
C PRO B 45 4.94 -27.48 6.81
N HIS B 46 4.61 -28.25 5.78
CA HIS B 46 5.32 -28.14 4.51
C HIS B 46 4.79 -26.98 3.69
N GLU B 47 5.69 -26.32 2.97
CA GLU B 47 5.32 -25.27 2.02
C GLU B 47 6.10 -25.50 0.73
N TRP B 48 6.02 -24.55 -0.20
CA TRP B 48 6.65 -24.69 -1.51
C TRP B 48 7.77 -23.67 -1.64
N PHE B 49 8.96 -24.15 -1.97
CA PHE B 49 10.14 -23.31 -2.14
C PHE B 49 10.51 -23.31 -3.62
N TRP B 50 10.37 -22.15 -4.27
CA TRP B 50 10.76 -22.00 -5.66
C TRP B 50 11.21 -20.57 -5.89
N SER B 51 12.22 -20.40 -6.76
CA SER B 51 12.77 -19.09 -7.10
C SER B 51 13.26 -18.34 -5.86
N GLY B 52 13.71 -19.08 -4.85
CA GLY B 52 14.28 -18.50 -3.66
C GLY B 52 13.28 -17.95 -2.66
N THR B 53 11.99 -18.07 -2.92
CA THR B 53 10.97 -17.56 -2.00
C THR B 53 10.05 -18.70 -1.56
N TRP B 54 9.29 -18.41 -0.51
CA TRP B 54 8.36 -19.38 0.07
C TRP B 54 6.95 -19.14 -0.44
N TRP B 55 6.28 -20.22 -0.82
CA TRP B 55 4.89 -20.18 -1.25
C TRP B 55 4.11 -21.22 -0.46
N ASP B 56 2.89 -20.87 -0.05
CA ASP B 56 2.12 -21.78 0.79
C ASP B 56 1.67 -23.02 0.02
N GLY B 57 1.39 -22.88 -1.27
CA GLY B 57 0.94 -23.99 -2.08
C GLY B 57 1.31 -23.79 -3.53
N PHE B 58 0.93 -24.77 -4.36
CA PHE B 58 1.27 -24.72 -5.78
C PHE B 58 0.31 -25.64 -6.53
N ASP B 59 -0.66 -25.05 -7.24
CA ASP B 59 -1.60 -25.81 -8.05
C ASP B 59 -0.95 -26.05 -9.41
N GLU B 60 -0.23 -27.16 -9.52
CA GLU B 60 0.53 -27.44 -10.74
C GLU B 60 -0.34 -27.55 -11.99
N PRO B 61 -1.47 -28.26 -11.99
CA PRO B 61 -2.29 -28.29 -13.23
C PRO B 61 -2.72 -26.91 -13.70
N ARG B 62 -2.99 -25.99 -12.79
CA ARG B 62 -3.31 -24.61 -13.15
C ARG B 62 -2.09 -23.71 -13.21
N CYS B 63 -0.92 -24.21 -12.81
CA CYS B 63 0.31 -23.40 -12.73
C CYS B 63 0.06 -22.11 -11.94
N THR B 64 -0.64 -22.24 -10.83
CA THR B 64 -0.94 -21.12 -9.95
C THR B 64 -0.30 -21.37 -8.59
N LEU B 65 0.45 -20.40 -8.10
CA LEU B 65 1.04 -20.50 -6.77
C LEU B 65 0.08 -19.91 -5.74
N LEU B 66 -0.06 -20.61 -4.62
CA LEU B 66 -1.07 -20.27 -3.62
C LEU B 66 -0.43 -19.70 -2.37
N GLU B 67 -1.17 -18.82 -1.70
CA GLU B 67 -0.80 -18.29 -0.40
C GLU B 67 -2.06 -18.05 0.41
N ALA B 68 -2.08 -18.53 1.64
CA ALA B 68 -3.25 -18.43 2.51
C ALA B 68 -2.93 -17.56 3.72
N LYS B 69 -3.89 -16.72 4.10
CA LYS B 69 -3.75 -15.81 5.25
C LYS B 69 -4.99 -15.93 6.12
N ALA B 70 -4.79 -16.31 7.38
CA ALA B 70 -5.92 -16.60 8.26
C ALA B 70 -6.26 -15.42 9.17
N ASN B 71 -5.57 -15.30 10.30
CA ASN B 71 -5.94 -14.34 11.35
C ASN B 71 -5.16 -13.05 11.16
N TYR B 72 -5.84 -12.02 10.62
CA TYR B 72 -5.23 -10.72 10.46
C TYR B 72 -6.18 -9.55 10.71
N ALA B 73 -7.46 -9.81 10.97
CA ALA B 73 -8.42 -8.72 11.13
C ALA B 73 -8.15 -7.90 12.38
N PHE B 74 -7.48 -8.46 13.38
CA PHE B 74 -7.24 -7.75 14.63
C PHE B 74 -6.27 -6.59 14.47
N LEU B 75 -5.63 -6.44 13.31
CA LEU B 75 -4.78 -5.30 13.03
C LEU B 75 -5.48 -4.22 12.21
N PHE B 76 -6.74 -4.44 11.85
CA PHE B 76 -7.55 -3.45 11.16
C PHE B 76 -8.69 -3.01 12.06
N VAL B 77 -9.17 -1.80 11.84
CA VAL B 77 -10.42 -1.38 12.47
C VAL B 77 -11.55 -1.84 11.55
N PRO B 78 -12.59 -2.45 12.08
CA PRO B 78 -13.56 -3.14 11.21
C PRO B 78 -14.38 -2.20 10.34
N LEU B 79 -15.05 -1.23 10.96
CA LEU B 79 -16.01 -0.40 10.24
C LEU B 79 -15.37 0.53 9.22
N LEU B 80 -14.10 0.88 9.39
CA LEU B 80 -13.48 1.90 8.57
C LEU B 80 -12.65 1.33 7.43
N GLY B 81 -12.34 0.04 7.46
CA GLY B 81 -11.59 -0.59 6.39
C GLY B 81 -10.13 -0.20 6.31
N VAL B 82 -9.58 0.42 7.36
CA VAL B 82 -8.18 0.81 7.39
C VAL B 82 -7.48 0.04 8.50
N PRO B 83 -6.18 -0.20 8.39
CA PRO B 83 -5.45 -0.84 9.48
C PRO B 83 -5.29 0.09 10.68
N ARG B 84 -5.07 -0.53 11.83
CA ARG B 84 -4.71 0.24 13.01
C ARG B 84 -3.31 0.82 12.79
N PRO B 85 -3.12 2.12 13.05
CA PRO B 85 -1.83 2.74 12.71
C PRO B 85 -0.63 2.07 13.38
N TRP B 86 -0.83 1.44 14.54
CA TRP B 86 0.27 0.78 15.23
C TRP B 86 0.66 -0.54 14.59
N ALA B 87 -0.10 -1.04 13.62
CA ALA B 87 0.16 -2.32 13.00
C ALA B 87 0.60 -2.18 11.54
N ARG B 88 1.01 -0.97 11.13
CA ARG B 88 1.39 -0.76 9.74
C ARG B 88 2.60 -1.61 9.37
N ALA B 89 3.58 -1.72 10.26
CA ALA B 89 4.78 -2.50 9.95
C ALA B 89 4.46 -3.97 9.76
N LYS B 90 3.58 -4.53 10.60
CA LYS B 90 3.21 -5.93 10.46
C LYS B 90 2.36 -6.15 9.21
N VAL B 91 1.48 -5.20 8.88
CA VAL B 91 0.68 -5.32 7.67
C VAL B 91 1.57 -5.21 6.43
N LYS B 92 2.57 -4.32 6.48
CA LYS B 92 3.44 -4.13 5.33
C LYS B 92 4.23 -5.39 5.01
N SER B 93 4.84 -6.01 6.02
CA SER B 93 5.71 -7.15 5.78
C SER B 93 4.91 -8.42 5.51
N ASP B 94 3.88 -8.68 6.31
CA ASP B 94 3.18 -9.96 6.22
C ASP B 94 2.17 -10.00 5.07
N LEU B 95 1.59 -8.86 4.71
CA LEU B 95 0.49 -8.85 3.75
C LEU B 95 0.79 -8.13 2.44
N LEU B 96 1.54 -7.03 2.48
CA LEU B 96 1.71 -6.18 1.30
C LEU B 96 2.98 -6.49 0.52
N GLN B 97 4.15 -6.27 1.14
CA GLN B 97 5.39 -6.42 0.39
C GLN B 97 5.75 -7.88 0.17
N LYS B 98 5.20 -8.79 0.96
CA LYS B 98 5.35 -10.21 0.65
C LYS B 98 4.57 -10.59 -0.60
N ALA B 99 3.42 -9.96 -0.84
CA ALA B 99 2.69 -10.19 -2.07
C ALA B 99 3.35 -9.51 -3.26
N GLU B 100 4.03 -8.38 -3.02
CA GLU B 100 4.78 -7.74 -4.08
C GLU B 100 5.93 -8.60 -4.55
N VAL B 101 6.60 -9.28 -3.62
CA VAL B 101 7.67 -10.21 -3.98
C VAL B 101 7.10 -11.41 -4.73
N HIS B 102 5.96 -11.93 -4.27
CA HIS B 102 5.31 -13.04 -4.95
C HIS B 102 5.00 -12.69 -6.40
N SER B 103 4.51 -11.47 -6.63
CA SER B 103 4.18 -11.05 -7.99
C SER B 103 5.42 -10.92 -8.86
N ASP B 104 6.52 -10.41 -8.28
CA ASP B 104 7.73 -10.19 -9.07
C ASP B 104 8.39 -11.50 -9.48
N LYS B 105 8.29 -12.53 -8.64
CA LYS B 105 8.94 -13.80 -8.89
C LYS B 105 8.08 -14.78 -9.68
N ALA B 106 6.77 -14.57 -9.71
CA ALA B 106 5.85 -15.45 -10.45
C ALA B 106 5.83 -15.01 -11.92
N ARG B 107 6.85 -15.44 -12.65
CA ARG B 107 7.03 -15.10 -14.05
C ARG B 107 7.56 -16.32 -14.79
N PRO B 108 7.25 -16.45 -16.10
CA PRO B 108 6.47 -15.52 -16.94
C PRO B 108 4.98 -15.67 -16.75
N THR B 109 4.21 -14.65 -17.13
CA THR B 109 2.76 -14.65 -16.96
C THR B 109 2.11 -14.27 -18.28
N PRO B 110 1.45 -15.21 -18.97
CA PRO B 110 1.27 -16.64 -18.64
C PRO B 110 2.57 -17.43 -18.71
N PRO B 111 2.59 -18.66 -18.15
CA PRO B 111 1.50 -19.37 -17.47
C PRO B 111 1.52 -19.24 -15.94
N VAL B 112 2.54 -18.62 -15.38
CA VAL B 112 2.69 -18.59 -13.93
C VAL B 112 1.79 -17.49 -13.35
N PHE B 113 0.85 -17.90 -12.49
CA PHE B 113 -0.01 -17.00 -11.75
C PHE B 113 0.15 -17.25 -10.26
N VAL B 114 -0.37 -16.31 -9.46
CA VAL B 114 -0.30 -16.42 -8.01
C VAL B 114 -1.61 -15.92 -7.43
N GLU B 115 -2.12 -16.63 -6.42
CA GLU B 115 -3.38 -16.27 -5.76
C GLU B 115 -3.18 -16.18 -4.26
N TRP B 116 -3.86 -15.23 -3.64
CA TRP B 116 -3.84 -15.03 -2.20
C TRP B 116 -5.25 -15.22 -1.67
N HIS B 117 -5.44 -16.22 -0.81
CA HIS B 117 -6.76 -16.55 -0.27
C HIS B 117 -6.84 -16.10 1.18
N PHE B 118 -7.86 -15.29 1.48
CA PHE B 118 -8.04 -14.72 2.80
C PHE B 118 -9.25 -15.36 3.48
N LEU B 119 -9.05 -15.78 4.73
CA LEU B 119 -10.17 -16.33 5.50
C LEU B 119 -11.18 -15.24 5.88
N GLN B 120 -10.71 -14.01 6.09
CA GLN B 120 -11.54 -12.93 6.59
C GLN B 120 -11.82 -11.95 5.46
N ARG B 121 -13.08 -11.53 5.34
CA ARG B 121 -13.47 -10.59 4.29
C ARG B 121 -12.81 -9.24 4.50
N ILE B 122 -12.77 -8.76 5.75
CA ILE B 122 -12.22 -7.43 6.02
C ILE B 122 -10.75 -7.36 5.60
N VAL B 123 -10.00 -8.44 5.83
CA VAL B 123 -8.61 -8.47 5.40
C VAL B 123 -8.51 -8.55 3.87
N TYR B 124 -9.44 -9.28 3.25
CA TYR B 124 -9.41 -9.41 1.79
C TYR B 124 -9.66 -8.08 1.11
N GLU B 125 -10.64 -7.31 1.60
CA GLU B 125 -11.02 -6.09 0.90
C GLU B 125 -9.88 -5.06 0.95
N TYR B 126 -9.15 -5.00 2.06
CA TYR B 126 -8.03 -4.07 2.13
C TYR B 126 -6.91 -4.48 1.21
N CYS B 127 -6.46 -5.74 1.32
CA CYS B 127 -5.29 -6.17 0.56
C CYS B 127 -5.56 -6.18 -0.94
N ALA B 128 -6.73 -6.66 -1.36
CA ALA B 128 -7.02 -6.75 -2.79
C ALA B 128 -6.98 -5.38 -3.45
N ALA B 129 -7.45 -4.34 -2.75
CA ALA B 129 -7.37 -3.00 -3.30
C ALA B 129 -5.94 -2.49 -3.30
N GLU B 130 -5.13 -2.90 -2.31
CA GLU B 130 -3.72 -2.51 -2.29
C GLU B 130 -2.97 -3.13 -3.46
N TYR B 131 -3.27 -4.39 -3.79
CA TYR B 131 -2.59 -5.04 -4.91
C TYR B 131 -2.97 -4.39 -6.23
N LEU B 132 -4.24 -3.96 -6.37
CA LEU B 132 -4.65 -3.21 -7.55
C LEU B 132 -3.90 -1.89 -7.65
N ARG B 133 -3.66 -1.25 -6.52
CA ARG B 133 -2.93 0.02 -6.51
C ARG B 133 -1.47 -0.19 -6.90
N MSE B 134 -0.89 -1.33 -6.56
CA MSE B 134 0.49 -1.63 -6.91
C MSE B 134 0.58 -2.26 -8.29
O MSE B 134 1.68 -2.47 -8.81
CB MSE B 134 1.12 -2.57 -5.87
CG MSE B 134 1.87 -1.84 -4.78
SE MSE B 134 2.73 -3.06 -3.53
CE MSE B 134 1.22 -4.23 -3.16
N GLY B 135 -0.56 -2.56 -8.88
CA GLY B 135 -0.61 -3.11 -10.22
C GLY B 135 -0.07 -4.52 -10.35
N LEU B 136 -0.36 -5.38 -9.37
CA LEU B 136 0.05 -6.78 -9.42
C LEU B 136 -0.95 -7.55 -10.26
N ALA B 137 -0.73 -7.49 -11.59
CA ALA B 137 -1.69 -8.07 -12.53
C ALA B 137 -1.73 -9.59 -12.44
N ASN B 138 -0.59 -10.23 -12.15
CA ASN B 138 -0.52 -11.68 -12.08
C ASN B 138 -0.92 -12.23 -10.72
N LEU B 139 -1.41 -11.38 -9.82
CA LEU B 139 -1.81 -11.79 -8.48
C LEU B 139 -3.29 -11.51 -8.29
N LYS B 140 -4.05 -12.53 -7.89
CA LYS B 140 -5.47 -12.41 -7.63
C LYS B 140 -5.74 -12.72 -6.16
N ALA B 141 -6.59 -11.90 -5.53
CA ALA B 141 -6.98 -12.08 -4.15
C ALA B 141 -8.41 -12.59 -4.07
N PHE B 142 -8.67 -13.46 -3.09
CA PHE B 142 -9.99 -14.05 -2.90
C PHE B 142 -10.34 -14.06 -1.42
N TRP B 143 -11.63 -13.89 -1.13
CA TRP B 143 -12.18 -14.18 0.19
C TRP B 143 -12.70 -15.62 0.15
N ASN B 144 -11.88 -16.55 0.65
CA ASN B 144 -12.18 -17.97 0.59
C ASN B 144 -12.23 -18.52 2.01
N PRO B 145 -13.39 -18.40 2.67
CA PRO B 145 -13.49 -18.87 4.05
C PRO B 145 -13.66 -20.38 4.13
N MSE B 146 -13.12 -20.95 5.21
CA MSE B 146 -13.14 -22.39 5.44
C MSE B 146 -14.42 -22.87 6.10
O MSE B 146 -14.92 -22.22 7.01
CB MSE B 146 -11.95 -22.81 6.29
CG MSE B 146 -11.37 -24.16 5.95
SE MSE B 146 -9.78 -24.57 6.97
CE MSE B 146 -10.40 -24.12 8.75
N PRO B 147 -14.93 -24.03 5.67
CA PRO B 147 -16.09 -24.61 6.36
C PRO B 147 -15.80 -24.85 7.83
N GLY B 148 -16.71 -24.39 8.68
CA GLY B 148 -16.57 -24.49 10.12
C GLY B 148 -16.29 -23.17 10.81
N THR B 149 -15.74 -22.19 10.09
CA THR B 149 -15.49 -20.89 10.67
C THR B 149 -16.76 -20.05 10.70
N ASP B 150 -16.75 -19.03 11.55
CA ASP B 150 -17.84 -18.06 11.52
C ASP B 150 -17.74 -17.13 10.32
N GLU B 151 -16.56 -17.01 9.72
CA GLU B 151 -16.42 -16.27 8.48
C GLU B 151 -17.12 -16.98 7.33
N HIS B 152 -17.12 -18.32 7.34
CA HIS B 152 -17.83 -19.06 6.30
C HIS B 152 -19.34 -18.92 6.44
N ASP B 153 -19.84 -18.81 7.68
CA ASP B 153 -21.28 -18.61 7.88
C ASP B 153 -21.73 -17.26 7.33
N ASP B 154 -20.87 -16.24 7.37
CA ASP B 154 -21.22 -14.95 6.79
C ASP B 154 -21.14 -14.99 5.27
N TYR B 155 -20.24 -15.80 4.71
CA TYR B 155 -20.07 -15.85 3.26
C TYR B 155 -21.28 -16.47 2.58
N GLN B 156 -21.68 -17.66 3.02
CA GLN B 156 -22.84 -18.31 2.43
C GLN B 156 -24.13 -17.55 2.72
N GLU B 157 -24.13 -16.64 3.69
CA GLU B 157 -25.30 -15.78 3.90
C GLU B 157 -25.51 -14.85 2.71
N THR B 158 -24.46 -14.21 2.23
CA THR B 158 -24.60 -13.26 1.15
C THR B 158 -24.60 -13.91 -0.23
N ARG B 159 -23.91 -15.05 -0.40
CA ARG B 159 -23.98 -15.74 -1.68
C ARG B 159 -25.26 -16.56 -1.83
N ALA B 160 -26.01 -16.77 -0.76
CA ALA B 160 -27.35 -17.33 -0.84
C ALA B 160 -28.44 -16.27 -0.81
N LYS B 161 -28.10 -15.03 -0.43
CA LYS B 161 -29.04 -13.91 -0.49
C LYS B 161 -28.64 -12.88 -1.53
N GLU B 162 -27.66 -13.18 -2.37
CA GLU B 162 -27.44 -12.41 -3.59
C GLU B 162 -28.25 -12.96 -4.76
N GLN B 163 -28.62 -14.23 -4.72
CA GLN B 163 -29.54 -14.81 -5.69
C GLN B 163 -30.98 -14.42 -5.41
N GLU B 164 -31.24 -13.72 -4.30
CA GLU B 164 -32.53 -13.09 -4.06
C GLU B 164 -32.54 -11.61 -4.43
N GLU B 165 -31.36 -11.00 -4.59
CA GLU B 165 -31.22 -9.63 -5.06
C GLU B 165 -30.88 -9.55 -6.53
N MSE B 166 -30.19 -10.55 -7.07
CA MSE B 166 -29.91 -10.63 -8.50
C MSE B 166 -30.87 -11.63 -9.15
O MSE B 166 -30.44 -12.64 -9.72
CB MSE B 166 -28.45 -11.02 -8.75
CG MSE B 166 -27.98 -10.89 -10.20
SE MSE B 166 -26.95 -9.28 -10.56
CE MSE B 166 -26.25 -9.74 -12.31
N LYS B 167 -32.16 -11.33 -9.05
CA LYS B 167 -33.20 -12.16 -9.67
C LYS B 167 -34.47 -11.35 -9.86
N ARG B 168 -34.91 -10.66 -8.80
CA ARG B 168 -36.07 -9.78 -8.90
C ARG B 168 -35.73 -8.45 -9.55
N PHE B 169 -34.45 -8.09 -9.61
CA PHE B 169 -34.04 -6.82 -10.21
C PHE B 169 -34.21 -6.84 -11.73
C1 CIT C . -11.77 -19.89 -5.65
O1 CIT C . -11.91 -20.66 -6.62
O2 CIT C . -11.04 -18.88 -5.79
C2 CIT C . -12.45 -20.16 -4.33
C3 CIT C . -13.86 -19.56 -4.29
O7 CIT C . -14.56 -20.12 -3.16
C4 CIT C . -13.80 -18.04 -4.17
C5 CIT C . -14.83 -17.54 -3.18
O3 CIT C . -15.44 -18.34 -2.43
O4 CIT C . -15.09 -16.32 -3.10
C6 CIT C . -14.60 -19.92 -5.56
O5 CIT C . -14.66 -21.11 -5.95
O6 CIT C . -15.15 -19.03 -6.25
MG MG D . 0.37 -17.08 8.30
#